data_1XOV
#
_entry.id   1XOV
#
_cell.length_a   90.586
_cell.length_b   90.586
_cell.length_c   213.667
_cell.angle_alpha   90.00
_cell.angle_beta   90.00
_cell.angle_gamma   120.00
#
_symmetry.space_group_name_H-M   'P 61 2 2'
#
loop_
_entity.id
_entity.type
_entity.pdbx_description
1 polymer 'Ply protein'
2 non-polymer 'ZINC ION'
3 non-polymer 'SULFATE ION'
4 non-polymer 'CHLORIDE ION'
5 non-polymer 'GLUTAMIC ACID'
6 non-polymer LYSINE
7 non-polymer 2-AMINO-2-HYDROXYMETHYL-PROPANE-1,3-DIOL
8 water water
#
_entity_poly.entity_id   1
_entity_poly.type   'polypeptide(L)'
_entity_poly.pdbx_seq_one_letter_code
;ASWSHPQFEKGAMSNYSMSRGHSDKCVGAEDILSEIKEAEKVLNAASDELKREGHNVKTFIDRTSTTQSANLNKIVNWHN
ANPADVHISVHLNAGKGTGVEVWYYAGDEKGRKLAVEISAKMAKALGLPNRGAKATKDLRFLNSTKGTAVLLEVCFVDRK
EDANAIHKSGMYDKLGIAIAEGLTGKTVAAKNPNRHSGAVVDSVPMLSKMDFKSSPIKMYKAGSSLLVYEHNKYWYKAYI
NDKLCYIYKSFCISNGKKDAKGRIKVRIKSAKDLRIPVWNNTKLNSGKIKWYSPGTKLSWYDNKKGYLELWYEKDGWYYT
ANYFLK
;
_entity_poly.pdbx_strand_id   A
#
loop_
_chem_comp.id
_chem_comp.type
_chem_comp.name
_chem_comp.formula
CL non-polymer 'CHLORIDE ION' 'Cl -1'
SO4 non-polymer 'SULFATE ION' 'O4 S -2'
TRS non-polymer 2-AMINO-2-HYDROXYMETHYL-PROPANE-1,3-DIOL 'C4 H12 N O3 1'
ZN non-polymer 'ZINC ION' 'Zn 2'
#
# COMPACT_ATOMS: atom_id res chain seq x y z
N ALA A 12 8.41 5.08 0.32
CA ALA A 12 8.94 5.23 -1.04
C ALA A 12 10.36 5.67 -0.88
N MET A 13 11.31 4.92 -1.44
CA MET A 13 12.71 5.37 -1.47
C MET A 13 13.79 4.29 -1.46
N SER A 14 13.47 3.00 -1.35
CA SER A 14 14.53 1.99 -1.47
C SER A 14 14.37 1.18 -2.73
N ASN A 15 15.44 0.47 -3.07
CA ASN A 15 15.45 -0.36 -4.28
C ASN A 15 15.53 -1.80 -3.79
N TYR A 16 14.67 -2.67 -4.32
CA TYR A 16 14.68 -4.11 -3.94
C TYR A 16 14.81 -4.95 -5.19
N SER A 17 15.66 -5.99 -5.16
CA SER A 17 15.77 -6.95 -6.26
C SER A 17 15.36 -8.29 -5.66
N MET A 18 14.32 -8.92 -6.20
CA MET A 18 13.74 -10.09 -5.60
C MET A 18 13.59 -11.18 -6.66
N SER A 19 14.05 -12.38 -6.33
CA SER A 19 13.90 -13.53 -7.20
C SER A 19 13.24 -14.72 -6.55
N ARG A 20 12.59 -15.53 -7.37
CA ARG A 20 12.02 -16.78 -6.89
C ARG A 20 13.15 -17.82 -6.87
N GLY A 21 13.05 -18.78 -5.96
CA GLY A 21 13.92 -19.93 -6.04
C GLY A 21 13.60 -20.80 -7.24
N HIS A 22 14.62 -21.48 -7.75
CA HIS A 22 14.45 -22.63 -8.65
C HIS A 22 14.01 -22.24 -10.07
N SER A 23 13.74 -23.22 -10.93
CA SER A 23 13.41 -22.91 -12.32
C SER A 23 12.18 -23.67 -12.70
N ASP A 24 11.38 -23.16 -13.64
CA ASP A 24 10.22 -23.94 -14.09
C ASP A 24 10.63 -25.25 -14.74
N LYS A 25 11.90 -25.35 -15.17
CA LYS A 25 12.44 -26.58 -15.76
C LYS A 25 13.47 -27.30 -14.87
N CYS A 26 13.57 -26.88 -13.61
CA CYS A 26 14.44 -27.51 -12.60
C CYS A 26 13.86 -27.07 -11.26
N VAL A 27 12.81 -27.75 -10.86
CA VAL A 27 11.90 -27.22 -9.87
C VAL A 27 12.50 -27.43 -8.47
N GLY A 28 11.82 -26.89 -7.47
CA GLY A 28 12.24 -27.10 -6.11
C GLY A 28 11.50 -28.24 -5.47
N ALA A 29 11.19 -28.05 -4.18
CA ALA A 29 10.47 -29.06 -3.42
C ALA A 29 9.01 -29.20 -3.89
N GLU A 30 8.49 -30.41 -3.82
CA GLU A 30 7.12 -30.68 -4.22
C GLU A 30 6.57 -31.73 -3.30
N ASP A 31 5.51 -31.42 -2.58
CA ASP A 31 4.91 -32.41 -1.70
C ASP A 31 3.43 -32.01 -1.62
N ILE A 32 2.91 -31.65 -0.46
CA ILE A 32 1.55 -31.14 -0.39
C ILE A 32 1.48 -29.83 -1.23
N LEU A 33 2.45 -28.97 -1.02
CA LEU A 33 2.60 -27.75 -1.79
C LEU A 33 3.66 -27.91 -2.86
N SER A 34 3.56 -27.06 -3.89
CA SER A 34 4.65 -26.87 -4.86
C SER A 34 5.44 -25.64 -4.50
N GLU A 35 6.72 -25.81 -4.22
CA GLU A 35 7.53 -24.68 -3.80
C GLU A 35 7.49 -23.55 -4.80
N ILE A 36 7.69 -23.85 -6.10
CA ILE A 36 7.76 -22.76 -7.05
C ILE A 36 6.42 -22.07 -7.24
N LYS A 37 5.34 -22.81 -7.14
CA LYS A 37 4.01 -22.20 -7.26
C LYS A 37 3.77 -21.22 -6.12
N GLU A 38 4.00 -21.68 -4.90
CA GLU A 38 3.76 -20.82 -3.72
C GLU A 38 4.75 -19.68 -3.67
N ALA A 39 6.04 -19.93 -3.93
CA ALA A 39 7.03 -18.88 -3.87
C ALA A 39 6.75 -17.73 -4.85
N GLU A 40 6.23 -18.07 -6.03
CA GLU A 40 5.95 -17.06 -7.04
C GLU A 40 4.81 -16.16 -6.53
N LYS A 41 3.82 -16.79 -5.90
CA LYS A 41 2.65 -16.04 -5.35
C LYS A 41 3.09 -15.08 -4.24
N VAL A 42 3.99 -15.54 -3.37
CA VAL A 42 4.54 -14.69 -2.31
C VAL A 42 5.42 -13.59 -2.86
N LEU A 43 6.29 -13.94 -3.80
CA LEU A 43 7.15 -12.95 -4.45
C LEU A 43 6.26 -11.84 -5.08
N ASN A 44 5.26 -12.22 -5.85
CA ASN A 44 4.39 -11.22 -6.49
C ASN A 44 3.66 -10.32 -5.45
N ALA A 45 3.17 -10.93 -4.37
CA ALA A 45 2.46 -10.19 -3.33
C ALA A 45 3.41 -9.18 -2.69
N ALA A 46 4.59 -9.64 -2.31
CA ALA A 46 5.61 -8.75 -1.70
C ALA A 46 6.04 -7.63 -2.62
N SER A 47 6.31 -7.97 -3.88
CA SER A 47 6.68 -6.97 -4.91
C SER A 47 5.58 -5.90 -5.04
N ASP A 48 4.35 -6.38 -5.22
CA ASP A 48 3.16 -5.51 -5.39
C ASP A 48 3.04 -4.58 -4.18
N GLU A 49 3.22 -5.13 -2.98
CA GLU A 49 3.10 -4.30 -1.78
C GLU A 49 4.22 -3.26 -1.66
N LEU A 50 5.45 -3.66 -1.95
CA LEU A 50 6.56 -2.75 -1.85
C LEU A 50 6.41 -1.62 -2.85
N LYS A 51 5.91 -1.97 -4.03
CA LYS A 51 5.65 -0.92 -5.04
C LYS A 51 4.52 0.02 -4.62
N ARG A 52 3.43 -0.51 -4.07
CA ARG A 52 2.37 0.32 -3.50
C ARG A 52 2.89 1.25 -2.42
N GLU A 53 3.87 0.78 -1.65
CA GLU A 53 4.52 1.59 -0.61
C GLU A 53 5.54 2.60 -1.14
N GLY A 54 5.76 2.60 -2.45
CA GLY A 54 6.57 3.61 -3.11
C GLY A 54 8.01 3.27 -3.43
N HIS A 55 8.39 2.02 -3.22
CA HIS A 55 9.75 1.58 -3.47
C HIS A 55 9.89 1.08 -4.91
N ASN A 56 11.14 0.99 -5.38
CA ASN A 56 11.42 0.47 -6.70
C ASN A 56 11.74 -0.99 -6.53
N VAL A 57 11.07 -1.85 -7.29
CA VAL A 57 11.26 -3.27 -7.13
C VAL A 57 11.49 -3.93 -8.49
N LYS A 58 12.57 -4.71 -8.59
CA LYS A 58 12.82 -5.51 -9.78
C LYS A 58 12.63 -6.95 -9.39
N THR A 59 12.02 -7.77 -10.24
CA THR A 59 11.86 -9.18 -9.91
C THR A 59 12.38 -10.10 -11.03
N PHE A 60 12.73 -11.33 -10.67
CA PHE A 60 13.25 -12.30 -11.61
C PHE A 60 12.76 -13.69 -11.30
N ILE A 61 12.28 -14.39 -12.32
CA ILE A 61 11.88 -15.80 -12.21
C ILE A 61 12.45 -16.56 -13.41
N ASP A 62 13.24 -17.58 -13.13
CA ASP A 62 13.87 -18.43 -14.13
C ASP A 62 12.88 -19.45 -14.66
N ARG A 63 12.55 -19.35 -15.93
CA ARG A 63 11.63 -20.30 -16.53
C ARG A 63 12.29 -21.43 -17.32
N THR A 64 13.60 -21.37 -17.55
CA THR A 64 14.23 -22.24 -18.57
C THR A 64 15.39 -23.12 -18.15
N SER A 65 16.15 -22.74 -17.12
CA SER A 65 17.32 -23.53 -16.70
C SER A 65 16.90 -24.95 -16.38
N THR A 66 17.68 -25.92 -16.87
CA THR A 66 17.37 -27.33 -16.64
C THR A 66 18.30 -27.96 -15.61
N THR A 67 19.29 -27.23 -15.12
CA THR A 67 20.15 -27.73 -14.03
C THR A 67 20.24 -26.72 -12.88
N GLN A 68 20.63 -27.23 -11.72
CA GLN A 68 20.79 -26.40 -10.52
C GLN A 68 21.87 -25.36 -10.74
N SER A 69 22.98 -25.76 -11.30
CA SER A 69 24.07 -24.81 -11.45
C SER A 69 23.72 -23.70 -12.42
N ALA A 70 23.07 -24.03 -13.55
CA ALA A 70 22.62 -23.02 -14.50
C ALA A 70 21.61 -22.05 -13.86
N ASN A 71 20.69 -22.59 -13.08
CA ASN A 71 19.67 -21.78 -12.39
C ASN A 71 20.33 -20.77 -11.42
N LEU A 72 21.24 -21.27 -10.59
CA LEU A 72 21.94 -20.41 -9.64
C LEU A 72 22.84 -19.39 -10.30
N ASN A 73 23.53 -19.78 -11.37
CA ASN A 73 24.36 -18.87 -12.12
C ASN A 73 23.45 -17.75 -12.65
N LYS A 74 22.32 -18.12 -13.21
CA LYS A 74 21.44 -17.10 -13.81
C LYS A 74 20.88 -16.11 -12.77
N ILE A 75 20.46 -16.67 -11.65
CA ILE A 75 19.91 -15.88 -10.52
C ILE A 75 20.96 -14.92 -9.97
N VAL A 76 22.13 -15.43 -9.65
CA VAL A 76 23.19 -14.58 -9.12
C VAL A 76 23.62 -13.50 -10.11
N ASN A 77 23.87 -13.89 -11.35
CA ASN A 77 24.21 -12.91 -12.37
C ASN A 77 23.21 -11.78 -12.48
N TRP A 78 21.92 -12.12 -12.46
CA TRP A 78 20.84 -11.13 -12.52
C TRP A 78 20.87 -10.20 -11.31
N HIS A 79 21.01 -10.75 -10.11
CA HIS A 79 21.11 -9.88 -8.94
C HIS A 79 22.28 -8.91 -9.03
N ASN A 80 23.43 -9.39 -9.51
CA ASN A 80 24.61 -8.55 -9.63
C ASN A 80 24.48 -7.54 -10.76
N ALA A 81 23.54 -7.78 -11.67
CA ALA A 81 23.29 -6.85 -12.79
C ALA A 81 22.28 -5.80 -12.38
N ASN A 82 21.64 -6.01 -11.24
CA ASN A 82 20.51 -5.20 -10.74
C ASN A 82 20.69 -4.79 -9.27
N PRO A 83 21.58 -3.85 -9.03
CA PRO A 83 21.88 -3.39 -7.68
C PRO A 83 20.66 -2.98 -6.88
N ALA A 84 20.72 -3.24 -5.58
CA ALA A 84 19.58 -3.00 -4.70
C ALA A 84 20.06 -2.71 -3.28
N ASP A 85 19.20 -2.11 -2.47
CA ASP A 85 19.47 -1.98 -1.04
C ASP A 85 19.40 -3.36 -0.35
N VAL A 86 18.48 -4.21 -0.76
CA VAL A 86 18.38 -5.58 -0.29
C VAL A 86 17.99 -6.47 -1.45
N HIS A 87 18.61 -7.65 -1.49
CA HIS A 87 18.30 -8.70 -2.44
C HIS A 87 17.59 -9.79 -1.71
N ILE A 88 16.48 -10.30 -2.25
CA ILE A 88 15.71 -11.32 -1.62
C ILE A 88 15.49 -12.48 -2.57
N SER A 89 15.65 -13.69 -2.06
CA SER A 89 15.26 -14.95 -2.76
C SER A 89 14.17 -15.60 -2.00
N VAL A 90 13.10 -15.99 -2.69
CA VAL A 90 11.94 -16.56 -2.07
C VAL A 90 11.82 -18.06 -2.33
N HIS A 91 11.83 -18.81 -1.24
CA HIS A 91 11.75 -20.27 -1.21
C HIS A 91 10.73 -20.75 -0.22
N LEU A 92 10.37 -22.04 -0.34
CA LEU A 92 9.64 -22.79 0.68
C LEU A 92 10.49 -24.00 1.04
N ASN A 93 10.26 -24.52 2.24
CA ASN A 93 11.22 -25.44 2.85
C ASN A 93 10.72 -26.89 2.68
N ALA A 94 11.60 -27.84 2.99
CA ALA A 94 11.19 -29.24 3.05
C ALA A 94 12.00 -29.90 4.15
N GLY A 95 11.50 -31.00 4.67
CA GLY A 95 12.09 -31.75 5.79
C GLY A 95 11.12 -31.98 6.92
N LYS A 96 9.85 -31.61 6.74
CA LYS A 96 8.80 -31.77 7.78
C LYS A 96 9.05 -31.16 9.21
N GLY A 97 9.88 -30.12 9.30
CA GLY A 97 9.75 -29.13 10.37
C GLY A 97 8.48 -28.35 10.05
N THR A 98 8.21 -27.30 10.81
CA THR A 98 7.05 -26.47 10.56
C THR A 98 7.40 -25.03 10.90
N GLY A 99 6.96 -24.14 10.04
CA GLY A 99 7.14 -22.73 10.29
C GLY A 99 8.13 -22.06 9.36
N VAL A 100 8.52 -20.88 9.80
CA VAL A 100 9.20 -19.89 8.97
C VAL A 100 10.63 -19.67 9.39
N GLU A 101 11.54 -19.51 8.43
CA GLU A 101 12.92 -19.09 8.73
C GLU A 101 13.47 -18.25 7.61
N VAL A 102 14.48 -17.47 7.93
CA VAL A 102 15.14 -16.58 6.96
C VAL A 102 16.64 -16.74 7.11
N TRP A 103 17.31 -17.01 6.01
CA TRP A 103 18.76 -17.19 5.98
C TRP A 103 19.46 -15.94 5.58
N TYR A 104 20.59 -15.67 6.21
CA TYR A 104 21.44 -14.55 5.88
C TYR A 104 22.91 -14.97 5.97
N TYR A 105 23.80 -14.16 5.39
CA TYR A 105 25.23 -14.45 5.36
C TYR A 105 25.80 -14.23 6.76
N ALA A 106 26.44 -15.28 7.30
CA ALA A 106 27.06 -15.17 8.63
C ALA A 106 27.97 -13.96 8.75
N GLY A 107 27.68 -13.11 9.75
CA GLY A 107 28.46 -11.94 10.03
C GLY A 107 27.99 -10.64 9.42
N ASP A 108 27.05 -10.75 8.49
CA ASP A 108 26.37 -9.60 7.93
C ASP A 108 25.32 -9.06 8.90
N GLU A 109 25.68 -8.03 9.68
CA GLU A 109 24.75 -7.52 10.68
C GLU A 109 23.50 -6.88 10.08
N LYS A 110 23.62 -6.22 8.94
CA LYS A 110 22.46 -5.59 8.34
C LYS A 110 21.49 -6.71 7.93
N GLY A 111 22.02 -7.75 7.30
CA GLY A 111 21.20 -8.90 6.89
C GLY A 111 20.57 -9.65 8.04
N ARG A 112 21.30 -9.80 9.14
CA ARG A 112 20.76 -10.50 10.31
C ARG A 112 19.55 -9.78 10.84
N LYS A 113 19.66 -8.47 10.95
CA LYS A 113 18.55 -7.69 11.50
C LYS A 113 17.29 -7.78 10.61
N LEU A 114 17.47 -7.78 9.29
CA LEU A 114 16.36 -7.93 8.35
C LEU A 114 15.75 -9.30 8.48
N ALA A 115 16.62 -10.30 8.61
CA ALA A 115 16.18 -11.70 8.66
C ALA A 115 15.33 -11.90 9.92
N VAL A 116 15.80 -11.35 11.03
CA VAL A 116 15.08 -11.48 12.29
C VAL A 116 13.65 -10.89 12.18
N GLU A 117 13.57 -9.69 11.63
CA GLU A 117 12.28 -9.00 11.52
C GLU A 117 11.31 -9.65 10.51
N ILE A 118 11.85 -10.06 9.36
CA ILE A 118 11.05 -10.69 8.30
C ILE A 118 10.53 -12.03 8.79
N SER A 119 11.37 -12.82 9.44
CA SER A 119 10.94 -14.12 9.91
C SER A 119 9.82 -13.99 10.92
N ALA A 120 9.99 -13.06 11.87
CA ALA A 120 8.96 -12.84 12.89
C ALA A 120 7.63 -12.39 12.32
N LYS A 121 7.69 -11.47 11.36
CA LYS A 121 6.49 -10.92 10.73
C LYS A 121 5.73 -11.95 9.91
N MET A 122 6.47 -12.74 9.15
CA MET A 122 5.86 -13.80 8.37
C MET A 122 5.19 -14.86 9.24
N ALA A 123 5.88 -15.29 10.29
CA ALA A 123 5.37 -16.31 11.21
C ALA A 123 4.09 -15.82 11.86
N LYS A 124 4.07 -14.57 12.24
CA LYS A 124 2.87 -13.95 12.80
C LYS A 124 1.71 -13.89 11.79
N ALA A 125 2.00 -13.53 10.55
CA ALA A 125 0.94 -13.51 9.52
C ALA A 125 0.35 -14.90 9.29
N LEU A 126 1.22 -15.91 9.21
CA LEU A 126 0.83 -17.28 8.87
C LEU A 126 0.22 -18.04 10.03
N GLY A 127 0.55 -17.60 11.23
CA GLY A 127 0.14 -18.23 12.46
C GLY A 127 0.91 -19.54 12.68
N LEU A 128 2.16 -19.55 12.26
CA LEU A 128 3.06 -20.70 12.40
C LEU A 128 4.20 -20.36 13.30
N PRO A 129 4.92 -21.36 13.79
CA PRO A 129 6.14 -21.06 14.53
C PRO A 129 7.23 -20.33 13.78
N ASN A 130 7.96 -19.48 14.48
CA ASN A 130 9.12 -18.85 13.97
C ASN A 130 10.36 -19.68 14.27
N ARG A 131 10.92 -20.29 13.23
CA ARG A 131 12.16 -21.00 13.38
C ARG A 131 13.36 -20.06 13.48
N GLY A 132 13.14 -18.82 13.04
CA GLY A 132 14.09 -17.72 13.19
C GLY A 132 15.05 -17.39 12.07
N ALA A 133 15.88 -16.38 12.31
CA ALA A 133 16.94 -16.04 11.39
C ALA A 133 18.07 -17.04 11.59
N LYS A 134 18.70 -17.42 10.49
CA LYS A 134 19.76 -18.41 10.52
C LYS A 134 20.91 -17.95 9.65
N ALA A 135 22.13 -17.98 10.19
CA ALA A 135 23.36 -17.53 9.56
C ALA A 135 23.99 -18.70 8.80
N THR A 136 24.56 -18.41 7.65
CA THR A 136 25.30 -19.43 6.92
C THR A 136 26.30 -18.82 5.95
N LYS A 137 27.35 -19.58 5.65
CA LYS A 137 28.26 -19.24 4.56
C LYS A 137 28.24 -20.31 3.47
N ASP A 138 27.20 -21.12 3.49
CA ASP A 138 27.13 -22.30 2.64
C ASP A 138 26.16 -22.17 1.47
N LEU A 139 25.47 -21.04 1.34
CA LEU A 139 24.46 -20.89 0.28
C LEU A 139 24.97 -20.02 -0.83
N ARG A 140 24.97 -20.54 -2.04
CA ARG A 140 25.54 -19.84 -3.18
C ARG A 140 24.88 -18.46 -3.39
N PHE A 141 23.56 -18.44 -3.27
CA PHE A 141 22.80 -17.18 -3.41
C PHE A 141 23.35 -16.07 -2.50
N LEU A 142 23.50 -16.38 -1.21
CA LEU A 142 24.02 -15.42 -0.23
C LEU A 142 25.50 -15.14 -0.42
N ASN A 143 26.28 -16.13 -0.86
CA ASN A 143 27.71 -15.97 -0.99
C ASN A 143 28.10 -15.12 -2.18
N SER A 144 27.34 -15.23 -3.25
CA SER A 144 27.73 -14.72 -4.55
C SER A 144 27.02 -13.45 -4.97
N THR A 145 25.92 -13.11 -4.31
CA THR A 145 25.22 -11.86 -4.54
C THR A 145 26.03 -10.79 -3.81
N LYS A 146 26.45 -9.75 -4.51
CA LYS A 146 27.32 -8.71 -3.92
C LYS A 146 26.66 -7.89 -2.81
N GLY A 147 25.39 -7.56 -2.97
CA GLY A 147 24.77 -6.67 -2.01
C GLY A 147 24.25 -7.43 -0.84
N THR A 148 23.57 -6.71 0.04
CA THR A 148 22.92 -7.35 1.17
C THR A 148 21.83 -8.29 0.73
N ALA A 149 21.81 -9.52 1.25
CA ALA A 149 20.92 -10.54 0.75
C ALA A 149 20.28 -11.39 1.86
N VAL A 150 19.02 -11.76 1.69
CA VAL A 150 18.37 -12.69 2.56
C VAL A 150 17.60 -13.68 1.72
N LEU A 151 17.43 -14.88 2.28
CA LEU A 151 16.74 -15.94 1.60
C LEU A 151 15.62 -16.38 2.48
N LEU A 152 14.40 -16.14 2.04
CA LEU A 152 13.24 -16.56 2.78
C LEU A 152 12.83 -18.01 2.55
N GLU A 153 12.62 -18.73 3.63
CA GLU A 153 11.93 -20.03 3.56
C GLU A 153 10.58 -19.86 4.22
N VAL A 154 9.61 -19.55 3.39
CA VAL A 154 8.33 -19.07 3.86
C VAL A 154 7.61 -20.03 4.81
N CYS A 155 7.55 -21.31 4.44
CA CYS A 155 6.93 -22.37 5.23
C CYS A 155 7.29 -23.68 4.53
N PHE A 156 6.92 -24.80 5.12
CA PHE A 156 7.29 -26.10 4.57
C PHE A 156 6.25 -26.57 3.55
N VAL A 157 6.71 -27.26 2.51
CA VAL A 157 5.82 -27.83 1.50
C VAL A 157 5.24 -29.20 1.89
N ASP A 158 5.77 -29.76 2.98
CA ASP A 158 5.50 -31.14 3.38
C ASP A 158 4.95 -31.26 4.80
N ARG A 159 4.16 -30.25 5.18
CA ARG A 159 3.59 -30.20 6.49
C ARG A 159 2.16 -29.67 6.30
N LYS A 160 1.17 -30.39 6.81
CA LYS A 160 -0.21 -29.94 6.62
C LYS A 160 -0.56 -28.62 7.31
N GLU A 161 0.03 -28.40 8.50
CA GLU A 161 -0.22 -27.14 9.22
C GLU A 161 0.15 -25.99 8.28
N ASP A 162 1.32 -26.09 7.70
CA ASP A 162 1.85 -25.03 6.82
C ASP A 162 1.02 -24.87 5.55
N ALA A 163 0.57 -25.99 4.97
CA ALA A 163 -0.33 -25.91 3.82
C ALA A 163 -1.65 -25.22 4.15
N ASN A 164 -2.30 -25.62 5.27
CA ASN A 164 -3.53 -24.96 5.69
C ASN A 164 -3.34 -23.46 5.83
N ALA A 165 -2.20 -23.10 6.44
CA ALA A 165 -1.91 -21.71 6.76
C ALA A 165 -1.74 -20.86 5.50
N ILE A 166 -0.93 -21.32 4.56
CA ILE A 166 -0.65 -20.49 3.40
C ILE A 166 -1.85 -20.39 2.45
N HIS A 167 -2.78 -21.34 2.59
CA HIS A 167 -4.01 -21.35 1.78
C HIS A 167 -5.24 -20.70 2.44
N LYS A 168 -5.06 -20.10 3.61
CA LYS A 168 -6.11 -19.31 4.22
C LYS A 168 -6.42 -18.08 3.38
N SER A 169 -7.67 -17.60 3.50
CA SER A 169 -8.10 -16.52 2.64
C SER A 169 -7.26 -15.28 2.89
N GLY A 170 -6.76 -14.68 1.84
CA GLY A 170 -5.94 -13.47 1.93
C GLY A 170 -4.54 -13.61 2.50
N MET A 171 -4.06 -14.83 2.66
CA MET A 171 -2.74 -15.03 3.24
C MET A 171 -1.64 -14.51 2.35
N TYR A 172 -1.73 -14.64 1.01
CA TYR A 172 -0.60 -14.10 0.25
C TYR A 172 -0.49 -12.60 0.43
N ASP A 173 -1.64 -11.90 0.48
CA ASP A 173 -1.63 -10.45 0.79
C ASP A 173 -0.96 -10.18 2.13
N LYS A 174 -1.35 -10.95 3.13
CA LYS A 174 -0.78 -10.76 4.47
C LYS A 174 0.72 -11.02 4.49
N LEU A 175 1.18 -11.95 3.68
CA LEU A 175 2.62 -12.22 3.62
C LEU A 175 3.33 -11.14 2.86
N GLY A 176 2.71 -10.58 1.83
CA GLY A 176 3.33 -9.45 1.11
C GLY A 176 3.54 -8.27 2.07
N ILE A 177 2.55 -8.04 2.92
CA ILE A 177 2.64 -6.99 3.97
C ILE A 177 3.76 -7.28 4.97
N ALA A 178 3.80 -8.49 5.47
CA ALA A 178 4.84 -8.92 6.42
C ALA A 178 6.24 -8.72 5.86
N ILE A 179 6.47 -9.10 4.61
CA ILE A 179 7.77 -8.95 4.00
C ILE A 179 8.10 -7.47 3.80
N ALA A 180 7.11 -6.70 3.35
CA ALA A 180 7.35 -5.27 3.13
C ALA A 180 7.64 -4.56 4.44
N GLU A 181 6.88 -4.86 5.49
CA GLU A 181 7.15 -4.23 6.80
C GLU A 181 8.45 -4.70 7.41
N GLY A 182 8.77 -5.97 7.21
CA GLY A 182 10.07 -6.47 7.67
C GLY A 182 11.26 -5.85 6.99
N LEU A 183 11.13 -5.60 5.69
CA LEU A 183 12.18 -4.97 4.95
C LEU A 183 12.34 -3.50 5.28
N THR A 184 11.22 -2.81 5.40
CA THR A 184 11.28 -1.34 5.50
C THR A 184 11.20 -0.80 6.92
N GLY A 185 10.69 -1.59 7.85
CA GLY A 185 10.49 -1.15 9.21
C GLY A 185 9.32 -0.18 9.37
N LYS A 186 8.44 -0.11 8.36
CA LYS A 186 7.33 0.83 8.36
C LYS A 186 6.02 0.11 8.08
N THR A 187 5.00 0.41 8.87
CA THR A 187 3.70 -0.22 8.73
C THR A 187 3.08 0.20 7.40
N VAL A 188 2.51 -0.76 6.66
CA VAL A 188 1.97 -0.45 5.35
C VAL A 188 0.63 0.27 5.51
N ALA A 189 0.32 1.13 4.57
CA ALA A 189 -0.93 1.85 4.56
C ALA A 189 -2.16 1.01 4.18
N ALA A 190 -1.99 0.10 3.23
CA ALA A 190 -3.16 -0.60 2.66
C ALA A 190 -3.39 -1.85 3.48
N LYS A 191 -3.84 -1.68 4.71
CA LYS A 191 -4.02 -2.83 5.58
C LYS A 191 -5.49 -3.09 5.74
N ASN A 192 -5.88 -4.34 5.53
CA ASN A 192 -7.28 -4.67 5.41
C ASN A 192 -8.14 -4.32 6.63
N PRO A 193 -7.63 -4.50 7.84
CA PRO A 193 -8.35 -4.05 9.04
C PRO A 193 -8.81 -2.60 9.00
N ASN A 194 -8.12 -1.75 8.25
CA ASN A 194 -8.42 -0.32 8.21
C ASN A 194 -9.14 0.09 6.94
N ARG A 195 -9.56 -0.90 6.14
CA ARG A 195 -10.27 -0.66 4.89
C ARG A 195 -11.76 -0.48 5.13
N HIS A 196 -12.36 0.40 4.34
CA HIS A 196 -13.77 0.71 4.40
C HIS A 196 -14.33 0.83 2.99
N SER A 197 -15.61 0.53 2.85
CA SER A 197 -16.29 0.68 1.57
C SER A 197 -17.54 1.51 1.82
N GLY A 198 -17.82 2.42 0.92
CA GLY A 198 -18.94 3.31 1.11
C GLY A 198 -19.11 4.11 -0.15
N ALA A 199 -19.49 5.37 0.01
CA ALA A 199 -19.81 6.20 -1.12
C ALA A 199 -19.50 7.67 -0.82
N VAL A 200 -19.31 8.41 -1.89
CA VAL A 200 -19.06 9.85 -1.85
C VAL A 200 -20.32 10.52 -1.30
N VAL A 201 -20.14 11.40 -0.33
CA VAL A 201 -21.29 12.09 0.28
C VAL A 201 -21.92 13.17 -0.64
N ASP A 202 -23.07 13.69 -0.23
CA ASP A 202 -23.81 14.69 -1.00
C ASP A 202 -23.89 16.05 -0.30
N SER A 203 -22.94 16.30 0.59
CA SER A 203 -22.83 17.56 1.32
C SER A 203 -21.40 18.09 1.22
N VAL A 204 -21.22 19.41 1.37
CA VAL A 204 -19.91 20.03 1.35
C VAL A 204 -19.72 20.91 2.58
N PRO A 205 -18.47 21.12 3.02
CA PRO A 205 -18.20 21.90 4.22
C PRO A 205 -18.07 23.40 4.08
N MET A 206 -18.60 24.08 5.09
CA MET A 206 -18.19 25.42 5.42
C MET A 206 -17.04 25.22 6.43
N LEU A 207 -15.86 25.67 6.06
CA LEU A 207 -14.61 25.39 6.80
C LEU A 207 -14.10 26.59 7.59
N SER A 208 -13.32 26.32 8.64
CA SER A 208 -12.77 27.39 9.50
C SER A 208 -11.62 28.10 8.82
N LYS A 209 -10.98 27.41 7.88
CA LYS A 209 -9.84 27.90 7.15
C LYS A 209 -10.03 27.50 5.69
N MET A 210 -9.26 28.10 4.80
CA MET A 210 -9.31 27.72 3.40
C MET A 210 -8.43 26.52 3.18
N ASP A 211 -8.84 25.42 3.80
CA ASP A 211 -8.08 24.19 3.93
C ASP A 211 -9.07 23.08 4.19
N PHE A 212 -9.14 22.11 3.29
CA PHE A 212 -10.05 21.00 3.48
C PHE A 212 -9.72 20.10 4.66
N LYS A 213 -8.49 20.17 5.14
CA LYS A 213 -8.10 19.41 6.32
C LYS A 213 -8.45 20.15 7.61
N SER A 214 -9.21 21.24 7.52
CA SER A 214 -9.61 21.94 8.73
C SER A 214 -10.93 21.35 9.22
N SER A 215 -11.55 21.95 10.21
CA SER A 215 -12.80 21.41 10.73
C SER A 215 -13.94 22.01 9.93
N PRO A 216 -14.88 21.16 9.54
CA PRO A 216 -16.11 21.66 8.95
C PRO A 216 -16.94 22.21 10.09
N ILE A 217 -17.24 23.50 10.02
CA ILE A 217 -18.10 24.12 11.01
C ILE A 217 -19.55 23.66 10.78
N LYS A 218 -19.89 23.46 9.51
CA LYS A 218 -21.23 23.08 9.11
C LYS A 218 -21.14 22.42 7.75
N MET A 219 -22.04 21.47 7.49
CA MET A 219 -22.10 20.81 6.20
C MET A 219 -23.36 21.26 5.48
N TYR A 220 -23.25 21.52 4.19
CA TYR A 220 -24.39 21.95 3.37
C TYR A 220 -24.73 20.89 2.34
N LYS A 221 -25.99 20.47 2.35
CA LYS A 221 -26.47 19.44 1.44
C LYS A 221 -26.66 19.98 0.03
N ALA A 222 -26.46 19.10 -0.94
CA ALA A 222 -26.67 19.44 -2.34
C ALA A 222 -28.03 20.13 -2.44
N GLY A 223 -28.08 21.19 -3.25
CA GLY A 223 -29.29 21.95 -3.50
C GLY A 223 -29.60 23.02 -2.47
N SER A 224 -28.90 23.06 -1.35
CA SER A 224 -29.26 24.01 -0.31
C SER A 224 -28.76 25.42 -0.63
N SER A 225 -29.48 26.41 -0.12
CA SER A 225 -29.16 27.80 -0.38
C SER A 225 -28.45 28.40 0.82
N LEU A 226 -27.53 29.34 0.58
CA LEU A 226 -26.91 30.08 1.67
C LEU A 226 -26.43 31.43 1.17
N LEU A 227 -26.12 32.32 2.10
CA LEU A 227 -25.65 33.65 1.76
C LEU A 227 -24.17 33.74 2.08
N VAL A 228 -23.39 34.29 1.15
CA VAL A 228 -21.95 34.41 1.27
C VAL A 228 -21.43 35.74 0.74
N TYR A 229 -20.14 35.99 0.95
CA TYR A 229 -19.46 37.12 0.35
C TYR A 229 -18.36 36.60 -0.54
N GLU A 230 -18.01 37.39 -1.55
CA GLU A 230 -16.85 37.09 -2.37
C GLU A 230 -15.64 37.14 -1.48
N HIS A 231 -14.64 36.32 -1.80
CA HIS A 231 -13.36 36.43 -1.14
C HIS A 231 -12.22 36.35 -2.13
N ASN A 232 -12.01 35.19 -2.74
CA ASN A 232 -11.03 35.13 -3.81
C ASN A 232 -11.48 34.22 -4.93
N LYS A 233 -10.56 33.84 -5.80
CA LYS A 233 -10.90 33.10 -7.01
C LYS A 233 -11.52 31.74 -6.71
N TYR A 234 -11.18 31.15 -5.57
CA TYR A 234 -11.61 29.79 -5.27
C TYR A 234 -12.54 29.65 -4.10
N TRP A 235 -12.67 30.71 -3.30
CA TRP A 235 -13.42 30.64 -2.04
C TRP A 235 -14.36 31.81 -1.87
N TYR A 236 -15.53 31.48 -1.33
CA TYR A 236 -16.46 32.45 -0.73
C TYR A 236 -16.23 32.45 0.76
N LYS A 237 -16.64 33.53 1.42
CA LYS A 237 -16.56 33.59 2.88
C LYS A 237 -17.94 33.89 3.47
N ALA A 238 -18.11 33.53 4.74
CA ALA A 238 -19.33 33.79 5.47
C ALA A 238 -19.01 33.82 6.96
N TYR A 239 -19.89 34.39 7.77
CA TYR A 239 -19.76 34.39 9.23
C TYR A 239 -20.72 33.39 9.84
N ILE A 240 -20.18 32.49 10.66
CA ILE A 240 -21.00 31.65 11.52
C ILE A 240 -20.57 31.98 12.95
N ASN A 241 -21.51 32.46 13.77
CA ASN A 241 -21.22 32.89 15.14
C ASN A 241 -20.11 33.93 15.17
N ASP A 242 -20.21 34.94 14.32
CA ASP A 242 -19.25 36.04 14.27
C ASP A 242 -17.81 35.58 13.98
N LYS A 243 -17.66 34.35 13.48
CA LYS A 243 -16.37 33.84 13.07
C LYS A 243 -16.40 33.62 11.55
N LEU A 244 -15.31 33.95 10.89
CA LEU A 244 -15.20 33.90 9.45
C LEU A 244 -14.90 32.47 9.00
N CYS A 245 -15.64 32.01 8.01
CA CYS A 245 -15.43 30.64 7.55
C CYS A 245 -15.56 30.64 6.03
N TYR A 246 -15.30 29.51 5.38
CA TYR A 246 -15.08 29.56 3.94
C TYR A 246 -15.74 28.39 3.27
N ILE A 247 -16.24 28.63 2.06
CA ILE A 247 -16.77 27.55 1.24
C ILE A 247 -16.23 27.64 -0.17
N TYR A 248 -15.92 26.48 -0.75
CA TYR A 248 -15.25 26.40 -2.01
C TYR A 248 -16.23 26.73 -3.13
N LYS A 249 -15.85 27.64 -4.01
CA LYS A 249 -16.78 28.18 -5.00
C LYS A 249 -17.27 27.13 -5.97
N SER A 250 -16.42 26.16 -6.31
CA SER A 250 -16.89 25.22 -7.35
C SER A 250 -18.03 24.32 -6.88
N PHE A 251 -18.34 24.28 -5.58
CA PHE A 251 -19.47 23.51 -5.10
C PHE A 251 -20.77 24.26 -5.35
N CYS A 252 -20.65 25.51 -5.77
CA CYS A 252 -21.81 26.44 -5.71
C CYS A 252 -22.19 27.03 -7.06
N ILE A 253 -23.47 27.41 -7.18
CA ILE A 253 -23.95 28.20 -8.31
C ILE A 253 -24.40 29.56 -7.79
N SER A 254 -23.95 30.60 -8.47
CA SER A 254 -24.32 31.98 -8.12
C SER A 254 -24.77 32.84 -9.32
N ASN A 255 -25.87 33.59 -9.23
CA ASN A 255 -26.03 34.77 -10.13
C ASN A 255 -26.41 36.12 -9.44
N GLY A 256 -25.40 36.99 -9.31
CA GLY A 256 -25.63 38.44 -9.21
C GLY A 256 -25.88 39.12 -7.87
N LYS A 257 -25.00 40.05 -7.49
CA LYS A 257 -25.15 40.80 -6.24
C LYS A 257 -26.28 41.77 -6.44
N LYS A 258 -27.28 41.66 -5.57
CA LYS A 258 -28.31 42.68 -5.48
C LYS A 258 -28.30 43.26 -4.07
N ASP A 259 -27.84 42.43 -3.13
CA ASP A 259 -27.90 42.72 -1.73
C ASP A 259 -27.03 43.96 -1.47
N ALA A 260 -27.60 44.82 -0.65
CA ALA A 260 -27.07 46.14 -0.35
C ALA A 260 -25.69 46.07 0.29
N LYS A 261 -25.39 44.95 0.94
CA LYS A 261 -24.10 44.73 1.61
C LYS A 261 -23.16 43.84 0.83
N GLY A 262 -23.59 43.45 -0.35
CA GLY A 262 -22.78 42.62 -1.22
C GLY A 262 -22.87 41.14 -0.93
N ARG A 263 -23.86 40.72 -0.15
CA ARG A 263 -24.09 39.31 0.05
C ARG A 263 -24.59 38.74 -1.26
N ILE A 264 -24.20 37.49 -1.48
CA ILE A 264 -24.60 36.74 -2.66
C ILE A 264 -25.34 35.50 -2.17
N LYS A 265 -26.51 35.25 -2.73
CA LYS A 265 -27.23 34.03 -2.49
C LYS A 265 -26.68 32.98 -3.46
N VAL A 266 -26.19 31.88 -2.91
CA VAL A 266 -25.64 30.79 -3.72
C VAL A 266 -26.39 29.52 -3.38
N ARG A 267 -26.27 28.51 -4.22
CA ARG A 267 -26.89 27.20 -3.97
C ARG A 267 -25.83 26.14 -4.21
N ILE A 268 -25.79 25.15 -3.32
CA ILE A 268 -24.89 24.00 -3.54
C ILE A 268 -25.45 23.29 -4.78
N LYS A 269 -24.57 22.87 -5.68
CA LYS A 269 -24.97 22.09 -6.86
C LYS A 269 -25.80 20.86 -6.48
N SER A 270 -26.69 20.46 -7.39
CA SER A 270 -27.54 19.30 -7.20
C SER A 270 -26.68 18.04 -7.04
N ALA A 271 -27.26 16.98 -6.49
CA ALA A 271 -26.52 15.72 -6.34
C ALA A 271 -25.96 15.26 -7.68
N LYS A 272 -26.70 15.49 -8.76
CA LYS A 272 -26.20 15.06 -10.07
C LYS A 272 -24.98 15.83 -10.56
N ASP A 273 -24.93 17.11 -10.26
CA ASP A 273 -23.92 18.02 -10.81
C ASP A 273 -22.76 18.31 -9.85
N LEU A 274 -22.95 18.09 -8.56
CA LEU A 274 -21.90 18.36 -7.57
C LEU A 274 -20.73 17.41 -7.81
N ARG A 275 -19.51 17.88 -7.57
CA ARG A 275 -18.37 16.97 -7.71
C ARG A 275 -17.47 17.17 -6.50
N ILE A 276 -17.11 16.07 -5.86
CA ILE A 276 -16.29 16.04 -4.66
C ILE A 276 -14.85 15.62 -4.99
N PRO A 277 -13.86 16.33 -4.45
CA PRO A 277 -12.47 16.14 -4.80
C PRO A 277 -11.80 14.99 -4.04
N VAL A 278 -10.93 14.33 -4.78
CA VAL A 278 -9.99 13.34 -4.28
C VAL A 278 -8.63 13.72 -4.89
N TRP A 279 -7.66 14.06 -4.03
CA TRP A 279 -6.38 14.61 -4.47
C TRP A 279 -5.21 13.62 -4.44
N ASN A 280 -4.21 13.87 -5.26
CA ASN A 280 -3.00 13.03 -5.29
C ASN A 280 -1.94 13.41 -4.27
N ASN A 281 -2.33 14.18 -3.26
CA ASN A 281 -1.41 14.63 -2.23
C ASN A 281 -2.14 14.73 -0.88
N THR A 282 -1.40 14.51 0.21
CA THR A 282 -2.01 14.46 1.56
C THR A 282 -2.35 15.85 2.08
N LYS A 283 -1.86 16.88 1.41
CA LYS A 283 -2.19 18.27 1.79
C LYS A 283 -3.60 18.62 1.35
N LEU A 284 -4.14 17.84 0.41
CA LEU A 284 -5.49 18.09 -0.13
C LEU A 284 -5.50 19.47 -0.78
N ASN A 285 -4.52 19.75 -1.61
CA ASN A 285 -4.37 21.06 -2.21
C ASN A 285 -3.70 20.94 -3.56
N SER A 286 -4.42 21.35 -4.60
CA SER A 286 -3.91 21.35 -5.96
C SER A 286 -3.47 19.96 -6.38
N GLY A 287 -2.51 19.90 -7.30
CA GLY A 287 -2.00 18.64 -7.82
C GLY A 287 -3.03 18.07 -8.77
N LYS A 288 -3.07 16.74 -8.87
CA LYS A 288 -4.06 16.06 -9.71
C LYS A 288 -5.25 15.73 -8.84
N ILE A 289 -6.45 16.03 -9.34
CA ILE A 289 -7.65 15.80 -8.57
C ILE A 289 -8.59 14.93 -9.36
N LYS A 290 -9.18 13.94 -8.68
CA LYS A 290 -10.31 13.19 -9.23
C LYS A 290 -11.59 13.79 -8.65
N TRP A 291 -12.58 14.00 -9.51
CA TRP A 291 -13.81 14.67 -9.14
C TRP A 291 -14.97 13.69 -9.28
N TYR A 292 -15.65 13.40 -8.18
CA TYR A 292 -16.68 12.37 -8.18
C TYR A 292 -18.06 12.90 -7.85
N SER A 293 -19.07 12.33 -8.48
CA SER A 293 -20.44 12.65 -8.10
C SER A 293 -20.85 11.98 -6.79
N PRO A 294 -21.68 12.64 -6.00
CA PRO A 294 -22.31 11.99 -4.85
C PRO A 294 -22.87 10.62 -5.18
N GLY A 295 -22.63 9.65 -4.30
CA GLY A 295 -23.18 8.31 -4.48
C GLY A 295 -22.20 7.35 -5.09
N THR A 296 -21.13 7.87 -5.69
CA THR A 296 -20.12 7.03 -6.28
C THR A 296 -19.55 6.10 -5.20
N LYS A 297 -19.49 4.81 -5.49
CA LYS A 297 -18.97 3.85 -4.53
C LYS A 297 -17.44 3.76 -4.62
N LEU A 298 -16.79 3.90 -3.45
CA LEU A 298 -15.33 3.81 -3.37
C LEU A 298 -14.97 3.04 -2.11
N SER A 299 -13.78 2.44 -2.09
CA SER A 299 -13.20 1.90 -0.88
C SER A 299 -11.92 2.66 -0.56
N TRP A 300 -11.66 2.82 0.72
CA TRP A 300 -10.52 3.57 1.20
C TRP A 300 -9.96 2.97 2.48
N TYR A 301 -8.83 3.51 2.92
CA TYR A 301 -8.21 3.12 4.18
C TYR A 301 -8.21 4.31 5.11
N ASP A 302 -8.53 4.05 6.36
CA ASP A 302 -8.53 5.06 7.40
C ASP A 302 -7.55 4.58 8.45
N ASN A 303 -6.37 5.17 8.39
CA ASN A 303 -5.26 4.85 9.27
C ASN A 303 -5.15 5.95 10.32
N LYS A 304 -6.21 6.72 10.48
CA LYS A 304 -6.30 7.79 11.46
C LYS A 304 -5.23 8.89 11.29
N LYS A 305 -4.85 9.18 10.06
CA LYS A 305 -3.86 10.21 9.77
C LYS A 305 -4.45 11.63 9.68
N GLY A 306 -5.77 11.73 9.77
CA GLY A 306 -6.46 13.01 9.55
C GLY A 306 -7.05 13.22 8.16
N TYR A 307 -6.96 12.18 7.34
CA TYR A 307 -7.47 12.16 5.98
C TYR A 307 -7.60 10.67 5.58
N LEU A 308 -8.37 10.44 4.53
CA LEU A 308 -8.54 9.07 3.99
C LEU A 308 -7.59 8.80 2.83
N GLU A 309 -7.23 7.52 2.68
CA GLU A 309 -6.22 7.06 1.73
C GLU A 309 -6.83 6.07 0.76
N LEU A 310 -6.73 6.38 -0.53
CA LEU A 310 -7.33 5.61 -1.59
C LEU A 310 -6.26 5.14 -2.56
N TRP A 311 -6.21 3.83 -2.77
CA TRP A 311 -5.26 3.24 -3.69
C TRP A 311 -5.89 3.01 -5.06
N TYR A 312 -5.25 3.53 -6.09
CA TYR A 312 -5.65 3.26 -7.45
C TYR A 312 -4.54 2.50 -8.14
N GLU A 313 -4.85 1.30 -8.61
CA GLU A 313 -3.87 0.53 -9.39
C GLU A 313 -3.24 1.33 -10.53
N LYS A 314 -4.04 2.14 -11.20
CA LYS A 314 -3.50 2.86 -12.34
C LYS A 314 -2.74 4.13 -11.96
N ASP A 315 -3.15 4.77 -10.88
CA ASP A 315 -2.77 6.16 -10.63
C ASP A 315 -2.02 6.41 -9.34
N GLY A 316 -1.92 5.39 -8.49
CA GLY A 316 -1.23 5.52 -7.20
C GLY A 316 -2.14 6.00 -6.09
N TRP A 317 -1.54 6.57 -5.05
CA TRP A 317 -2.30 6.95 -3.86
C TRP A 317 -2.96 8.31 -4.07
N TYR A 318 -4.22 8.36 -3.68
CA TYR A 318 -4.99 9.61 -3.63
C TYR A 318 -5.55 9.72 -2.22
N TYR A 319 -6.12 10.88 -1.88
CA TYR A 319 -6.48 11.17 -0.51
C TYR A 319 -7.69 12.07 -0.51
N THR A 320 -8.51 11.99 0.53
CA THR A 320 -9.56 13.00 0.68
C THR A 320 -9.90 13.23 2.16
N ALA A 321 -10.80 14.18 2.43
CA ALA A 321 -11.15 14.56 3.78
C ALA A 321 -12.00 13.49 4.42
N ASN A 322 -11.86 13.35 5.73
CA ASN A 322 -12.57 12.33 6.48
C ASN A 322 -14.08 12.40 6.26
N TYR A 323 -14.61 13.61 6.06
CA TYR A 323 -16.06 13.83 5.98
C TYR A 323 -16.63 13.66 4.56
N PHE A 324 -15.80 13.41 3.55
CA PHE A 324 -16.29 13.27 2.18
C PHE A 324 -16.68 11.84 1.72
N LEU A 325 -16.30 10.82 2.49
CA LEU A 325 -16.68 9.43 2.20
C LEU A 325 -17.29 8.81 3.44
N LYS A 326 -18.41 8.10 3.27
CA LYS A 326 -19.08 7.41 4.40
C LYS A 326 -19.62 6.03 4.00
ZN ZN B . 14.08 -23.76 -2.51
S SO4 C . -11.29 6.27 -11.39
O1 SO4 C . -10.55 7.48 -11.72
O2 SO4 C . -10.35 5.22 -10.89
O3 SO4 C . -12.37 6.33 -10.40
O4 SO4 C . -11.79 5.75 -12.67
CL CL D . -23.49 38.94 7.87
N GLU E . 14.01 -24.52 -0.60
CA GLU E . 14.98 -25.62 -0.34
C GLU E . 16.23 -25.37 -1.19
O GLU E . 16.21 -24.59 -2.15
CB GLU E . 14.38 -26.96 -0.73
CG GLU E . 14.14 -27.10 -2.22
CD GLU E . 14.54 -28.47 -2.77
OE1 GLU E . 14.94 -28.55 -3.95
OE2 GLU E . 14.44 -29.46 -2.02
N LYS F . 17.27 -26.10 -0.81
CA LYS F . 18.64 -26.03 -1.31
C LYS F . 19.22 -24.66 -1.39
O LYS F . 20.43 -24.53 -1.17
CB LYS F . 18.82 -26.79 -2.63
CG LYS F . 19.09 -28.28 -2.44
CD LYS F . 19.90 -28.90 -3.59
CE LYS F . 19.61 -30.39 -3.72
NZ LYS F . 19.93 -30.94 -5.07
C TRS G . 14.75 -28.87 12.43
C1 TRS G . 15.23 -27.77 13.38
C2 TRS G . 15.12 -28.62 10.99
C3 TRS G . 13.26 -29.03 12.49
N TRS G . 15.28 -30.18 12.77
O1 TRS G . 16.56 -27.25 13.00
O2 TRS G . 14.51 -29.35 10.07
O3 TRS G . 13.10 -30.41 12.26
#